data_6JAL
#
_entry.id   6JAL
#
_cell.length_a   53.040
_cell.length_b   85.130
_cell.length_c   55.340
_cell.angle_alpha   90.000
_cell.angle_beta   92.990
_cell.angle_gamma   90.000
#
_symmetry.space_group_name_H-M   'P 1 21 1'
#
loop_
_entity.id
_entity.type
_entity.pdbx_description
1 polymer 'ABC transporter, periplasmic substrate-binding protein'
2 non-polymer 'ACETATE ION'
3 non-polymer GLYCEROL
4 non-polymer DI(HYDROXYETHYL)ETHER
5 non-polymer 1,2-ETHANEDIOL
6 water water
#
_entity_poly.entity_id   1
_entity_poly.type   'polypeptide(L)'
_entity_poly.pdbx_seq_one_letter_code
;VPRGSHMMQSGPVIRVAGDSTAVGEGGRWMKEMVEAWGKKTGTRVEYIDSPADTNDRLALYQQYWAARSPDVDVYMIDVI
WPGIVAPHALDLKPYLTEAELKEFFPRIVQNNTIRGKLTSLPFFTDAGILYYRKDLLEKYGYTSPPRTWNELEQMAERVM
EGERRAGNRDFWGFVFQGKPYEGLTCDALEWIYSHGGGRIVEPDGTISVNNGRAALALNRAHGWVGRIAPQGVTSYAEEE
ARNVWQQGNSLFMRNWPYAYALGQAEGSPIRGKFGVTVLPKASADAPNAATLGGWQLMVSAYSRYPKEAVDLVKYLASYE
VQKDNAVRLSRLPTRPALYTDRDVLARNPWFRDLLPVFQNAVSAPSDVAGARYNQVSEAIWTEVHSVLTGRKKGEQAVRD
LEARIRRILRHHHHHH
;
_entity_poly.pdbx_strand_id   A
#
loop_
_chem_comp.id
_chem_comp.type
_chem_comp.name
_chem_comp.formula
ACT non-polymer 'ACETATE ION' 'C2 H3 O2 -1'
EDO non-polymer 1,2-ETHANEDIOL 'C2 H6 O2'
GOL non-polymer GLYCEROL 'C3 H8 O3'
PEG non-polymer DI(HYDROXYETHYL)ETHER 'C4 H10 O3'
#
# COMPACT_ATOMS: atom_id res chain seq x y z
N VAL A 1 -11.35 51.66 9.70
CA VAL A 1 -11.97 50.50 10.43
C VAL A 1 -11.35 50.40 11.84
N PRO A 2 -12.16 50.45 12.94
CA PRO A 2 -11.53 50.44 14.24
C PRO A 2 -10.88 49.12 14.60
N ARG A 3 -9.92 49.19 15.50
CA ARG A 3 -9.34 47.99 16.06
C ARG A 3 -10.15 47.53 17.27
N GLY A 4 -9.97 46.29 17.59
CA GLY A 4 -10.59 45.73 18.77
C GLY A 4 -10.46 44.23 18.62
N SER A 5 -10.55 43.50 19.76
CA SER A 5 -10.39 42.08 19.70
C SER A 5 -11.37 41.35 18.79
N HIS A 6 -12.59 41.88 18.56
CA HIS A 6 -13.59 41.15 17.78
C HIS A 6 -13.56 41.39 16.31
N MET A 7 -12.58 42.23 15.87
CA MET A 7 -12.38 42.55 14.46
CA MET A 7 -12.43 42.53 14.43
C MET A 7 -11.39 41.63 13.81
N MET A 8 -11.45 41.60 12.46
CA MET A 8 -10.68 40.61 11.66
C MET A 8 -9.20 40.92 11.78
N GLN A 9 -8.41 39.88 12.14
CA GLN A 9 -6.97 39.88 12.03
C GLN A 9 -6.53 39.58 10.59
N SER A 10 -5.64 40.35 9.96
CA SER A 10 -5.28 40.01 8.56
C SER A 10 -4.32 38.82 8.60
N GLY A 11 -4.22 38.10 7.48
CA GLY A 11 -3.17 37.04 7.37
C GLY A 11 -3.74 35.64 7.08
N PRO A 12 -2.87 34.77 6.48
CA PRO A 12 -3.48 33.53 6.02
C PRO A 12 -3.74 32.62 7.20
N VAL A 13 -4.74 31.79 7.04
CA VAL A 13 -4.97 30.70 8.00
C VAL A 13 -4.95 29.42 7.20
N ILE A 14 -3.99 28.53 7.46
CA ILE A 14 -3.85 27.29 6.66
C ILE A 14 -4.46 26.12 7.45
N ARG A 15 -5.41 25.47 6.78
CA ARG A 15 -6.31 24.49 7.40
C ARG A 15 -6.02 23.08 6.85
N VAL A 16 -5.77 22.14 7.75
CA VAL A 16 -5.37 20.79 7.37
C VAL A 16 -6.40 19.80 7.86
N ALA A 17 -6.84 18.94 6.91
CA ALA A 17 -7.66 17.78 7.30
C ALA A 17 -6.75 16.55 7.35
N GLY A 18 -6.50 16.09 8.55
CA GLY A 18 -5.56 15.03 8.86
C GLY A 18 -6.17 13.92 9.65
N ASP A 19 -5.32 13.02 10.11
CA ASP A 19 -5.78 11.96 10.98
C ASP A 19 -6.42 12.53 12.23
N SER A 20 -7.44 11.85 12.73
CA SER A 20 -8.16 12.34 13.91
C SER A 20 -7.36 12.30 15.17
N THR A 21 -7.43 13.39 15.94
CA THR A 21 -6.80 13.49 17.27
C THR A 21 -7.62 12.75 18.32
N ALA A 22 -8.75 12.19 17.94
CA ALA A 22 -9.61 11.49 18.95
C ALA A 22 -9.28 10.05 19.03
N VAL A 23 -8.61 9.51 18.00
CA VAL A 23 -8.37 8.07 17.79
C VAL A 23 -6.85 7.83 17.81
N GLY A 24 -6.31 7.04 18.75
CA GLY A 24 -4.87 6.71 18.69
C GLY A 24 -3.94 7.92 18.79
N GLU A 25 -2.67 7.77 18.36
CA GLU A 25 -1.68 8.84 18.51
C GLU A 25 -1.33 9.52 17.18
N GLY A 26 -1.71 8.91 16.07
CA GLY A 26 -1.33 9.47 14.73
C GLY A 26 -1.87 10.88 14.50
N GLY A 27 -3.10 11.17 14.87
CA GLY A 27 -3.64 12.47 14.67
C GLY A 27 -3.07 13.50 15.62
N ARG A 28 -2.87 13.12 16.88
CA ARG A 28 -2.19 13.99 17.78
C ARG A 28 -0.80 14.41 17.28
N TRP A 29 -0.09 13.45 16.73
CA TRP A 29 1.27 13.70 16.19
C TRP A 29 1.13 14.62 14.97
N MET A 30 0.18 14.32 14.08
CA MET A 30 0.08 15.11 12.87
C MET A 30 -0.28 16.58 13.18
N LYS A 31 -1.23 16.77 14.09
CA LYS A 31 -1.55 18.11 14.51
C LYS A 31 -0.33 18.79 15.18
N GLU A 32 0.43 18.08 15.97
CA GLU A 32 1.65 18.62 16.53
C GLU A 32 2.58 19.11 15.40
N MET A 33 2.71 18.35 14.33
CA MET A 33 3.59 18.83 13.26
C MET A 33 3.04 20.05 12.58
N VAL A 34 1.73 20.11 12.34
CA VAL A 34 1.14 21.27 11.71
C VAL A 34 1.33 22.53 12.58
N GLU A 35 1.06 22.34 13.89
CA GLU A 35 1.22 23.49 14.79
C GLU A 35 2.70 23.94 14.83
N ALA A 36 3.61 22.98 14.81
CA ALA A 36 5.04 23.32 14.79
C ALA A 36 5.40 24.09 13.56
N TRP A 37 4.93 23.68 12.39
CA TRP A 37 5.13 24.45 11.20
C TRP A 37 4.60 25.86 11.34
N GLY A 38 3.40 25.99 11.91
CA GLY A 38 2.81 27.32 12.08
C GLY A 38 3.66 28.20 12.96
N LYS A 39 4.16 27.65 14.02
CA LYS A 39 5.01 28.44 14.94
C LYS A 39 6.34 28.83 14.25
N LYS A 40 6.93 27.86 13.55
CA LYS A 40 8.25 28.11 12.94
C LYS A 40 8.14 29.11 11.83
N THR A 41 7.00 29.23 11.17
CA THR A 41 6.82 30.11 10.01
C THR A 41 6.02 31.39 10.28
N GLY A 42 5.47 31.48 11.49
CA GLY A 42 4.56 32.56 11.85
C GLY A 42 3.27 32.55 11.05
N THR A 43 2.66 31.38 10.93
CA THR A 43 1.49 31.23 10.11
C THR A 43 0.41 30.60 11.02
N ARG A 44 -0.78 31.21 11.10
CA ARG A 44 -1.87 30.62 11.82
C ARG A 44 -2.37 29.33 11.05
N VAL A 45 -2.68 28.34 11.84
CA VAL A 45 -3.12 27.05 11.31
C VAL A 45 -4.36 26.60 12.05
N GLU A 46 -5.18 25.79 11.39
CA GLU A 46 -6.23 25.03 12.02
C GLU A 46 -6.19 23.57 11.58
N TYR A 47 -6.65 22.69 12.44
CA TYR A 47 -6.59 21.25 12.21
C TYR A 47 -7.98 20.70 12.27
N ILE A 48 -8.31 19.87 11.28
CA ILE A 48 -9.63 19.18 11.15
C ILE A 48 -9.42 17.69 11.35
N ASP A 49 -10.11 17.12 12.30
CA ASP A 49 -10.08 15.65 12.47
C ASP A 49 -10.80 14.96 11.36
N SER A 50 -10.20 14.01 10.67
CA SER A 50 -10.83 13.25 9.60
C SER A 50 -11.23 11.91 10.13
N PRO A 51 -12.27 11.31 9.58
CA PRO A 51 -12.62 9.94 9.96
C PRO A 51 -11.49 8.95 9.69
N ALA A 52 -11.38 7.98 10.59
CA ALA A 52 -10.51 6.85 10.40
C ALA A 52 -10.97 5.90 9.32
N ASP A 53 -12.31 5.76 9.23
CA ASP A 53 -12.91 4.96 8.14
C ASP A 53 -12.65 5.65 6.78
N THR A 54 -12.07 4.95 5.84
CA THR A 54 -11.68 5.49 4.58
CA THR A 54 -11.68 5.55 4.59
C THR A 54 -12.89 6.02 3.77
N ASN A 55 -13.97 5.26 3.71
CA ASN A 55 -15.13 5.70 2.98
C ASN A 55 -15.77 6.95 3.64
N ASP A 56 -15.83 6.96 4.96
CA ASP A 56 -16.38 8.13 5.65
C ASP A 56 -15.46 9.37 5.42
N ARG A 57 -14.16 9.14 5.40
CA ARG A 57 -13.26 10.29 5.16
C ARG A 57 -13.45 10.83 3.79
N LEU A 58 -13.56 9.96 2.77
CA LEU A 58 -13.81 10.42 1.45
C LEU A 58 -15.12 11.24 1.34
N ALA A 59 -16.14 10.75 2.03
CA ALA A 59 -17.37 11.50 2.00
C ALA A 59 -17.29 12.87 2.63
N LEU A 60 -16.55 12.95 3.68
CA LEU A 60 -16.35 14.23 4.34
C LEU A 60 -15.65 15.16 3.35
N TYR A 61 -14.54 14.71 2.77
CA TYR A 61 -13.82 15.57 1.87
C TYR A 61 -14.63 16.02 0.66
N GLN A 62 -15.43 15.13 0.11
CA GLN A 62 -16.33 15.48 -0.95
C GLN A 62 -17.33 16.56 -0.58
N GLN A 63 -17.69 16.67 0.69
CA GLN A 63 -18.56 17.83 1.05
C GLN A 63 -17.89 19.17 0.75
N TYR A 64 -16.59 19.25 0.98
CA TYR A 64 -15.87 20.44 0.61
C TYR A 64 -15.64 20.58 -0.87
N TRP A 65 -15.18 19.49 -1.51
CA TRP A 65 -14.88 19.58 -2.90
C TRP A 65 -16.12 19.89 -3.79
N ALA A 66 -17.24 19.32 -3.42
CA ALA A 66 -18.48 19.58 -4.16
C ALA A 66 -18.78 21.06 -4.29
N ALA A 67 -18.44 21.80 -3.25
CA ALA A 67 -18.67 23.22 -3.21
C ALA A 67 -17.52 24.08 -3.60
N ARG A 68 -16.42 23.46 -4.07
CA ARG A 68 -15.18 24.18 -4.31
C ARG A 68 -14.76 25.00 -3.08
N SER A 69 -14.90 24.37 -1.92
CA SER A 69 -14.72 25.11 -0.69
C SER A 69 -13.29 25.50 -0.43
N PRO A 70 -13.03 26.77 -0.03
CA PRO A 70 -11.70 27.19 0.38
C PRO A 70 -11.35 26.80 1.81
N ASP A 71 -12.23 26.10 2.52
CA ASP A 71 -12.10 25.92 3.97
C ASP A 71 -11.17 24.80 4.42
N VAL A 72 -10.53 24.12 3.46
CA VAL A 72 -9.42 23.16 3.76
C VAL A 72 -8.38 23.44 2.69
N ASP A 73 -7.13 23.59 3.16
CA ASP A 73 -6.00 23.80 2.27
C ASP A 73 -5.27 22.52 1.97
N VAL A 74 -5.20 21.59 2.92
CA VAL A 74 -4.43 20.35 2.81
C VAL A 74 -5.26 19.20 3.23
N TYR A 75 -5.30 18.16 2.40
CA TYR A 75 -6.01 16.90 2.66
C TYR A 75 -5.06 15.70 2.69
N MET A 76 -5.35 14.77 3.58
CA MET A 76 -4.56 13.51 3.66
C MET A 76 -5.35 12.43 2.98
N ILE A 77 -4.85 11.95 1.83
CA ILE A 77 -5.65 11.11 0.93
C ILE A 77 -5.09 9.69 0.79
N ASP A 78 -5.94 8.74 0.57
CA ASP A 78 -5.56 7.33 0.37
C ASP A 78 -4.88 7.14 -0.98
N VAL A 79 -4.05 6.07 -1.00
CA VAL A 79 -3.33 5.71 -2.27
C VAL A 79 -4.16 5.59 -3.51
N ILE A 80 -5.43 5.14 -3.42
CA ILE A 80 -6.24 5.01 -4.63
C ILE A 80 -7.02 6.30 -4.92
N TRP A 81 -6.89 7.33 -4.11
CA TRP A 81 -7.65 8.52 -4.35
C TRP A 81 -7.13 9.47 -5.38
N PRO A 82 -5.83 9.60 -5.68
CA PRO A 82 -5.40 10.45 -6.83
C PRO A 82 -6.19 10.22 -8.09
N GLY A 83 -6.45 8.95 -8.38
CA GLY A 83 -7.19 8.68 -9.61
C GLY A 83 -8.59 9.20 -9.66
N ILE A 84 -9.21 9.49 -8.53
CA ILE A 84 -10.58 10.07 -8.51
C ILE A 84 -10.62 11.51 -8.04
N VAL A 85 -9.60 12.00 -7.39
CA VAL A 85 -9.63 13.34 -6.81
C VAL A 85 -8.78 14.36 -7.52
N ALA A 86 -8.06 13.99 -8.56
CA ALA A 86 -7.10 14.83 -9.25
C ALA A 86 -7.67 16.22 -9.61
N PRO A 87 -8.95 16.31 -10.04
CA PRO A 87 -9.42 17.65 -10.36
C PRO A 87 -9.52 18.60 -9.17
N HIS A 88 -9.56 18.06 -7.94
CA HIS A 88 -9.63 18.85 -6.72
C HIS A 88 -8.25 19.15 -6.15
N ALA A 89 -7.19 18.73 -6.84
CA ALA A 89 -5.82 18.87 -6.35
C ALA A 89 -5.05 19.91 -7.12
N LEU A 90 -4.32 20.78 -6.40
CA LEU A 90 -3.35 21.68 -7.03
C LEU A 90 -2.19 20.86 -7.59
N ASP A 91 -1.75 21.13 -8.81
CA ASP A 91 -0.55 20.46 -9.35
C ASP A 91 0.67 20.89 -8.58
N LEU A 92 1.34 19.95 -7.95
CA LEU A 92 2.53 20.26 -7.19
C LEU A 92 3.77 20.25 -8.02
N LYS A 93 3.72 19.79 -9.25
CA LYS A 93 4.94 19.65 -10.04
C LYS A 93 5.77 20.91 -10.15
N PRO A 94 5.19 22.10 -10.36
CA PRO A 94 6.02 23.31 -10.47
C PRO A 94 6.73 23.65 -9.21
N TYR A 95 6.32 23.15 -8.04
CA TYR A 95 6.87 23.58 -6.76
C TYR A 95 8.01 22.69 -6.30
N LEU A 96 8.27 21.59 -7.01
CA LEU A 96 9.33 20.72 -6.61
C LEU A 96 10.39 20.65 -7.71
N THR A 97 11.61 20.81 -7.31
CA THR A 97 12.69 20.55 -8.24
C THR A 97 12.87 19.06 -8.46
N GLU A 98 13.62 18.68 -9.50
CA GLU A 98 13.90 17.29 -9.75
C GLU A 98 14.60 16.68 -8.54
N ALA A 99 15.57 17.37 -7.99
CA ALA A 99 16.34 16.87 -6.80
C ALA A 99 15.38 16.55 -5.66
N GLU A 100 14.44 17.43 -5.43
CA GLU A 100 13.49 17.22 -4.36
C GLU A 100 12.59 16.03 -4.67
N LEU A 101 12.05 15.94 -5.84
CA LEU A 101 11.11 14.84 -6.19
C LEU A 101 11.78 13.50 -6.17
N LYS A 102 13.06 13.43 -6.55
CA LYS A 102 13.78 12.19 -6.60
C LYS A 102 14.13 11.63 -5.24
N GLU A 103 13.90 12.42 -4.19
CA GLU A 103 14.12 11.94 -2.82
C GLU A 103 12.99 10.98 -2.39
N PHE A 104 11.91 10.97 -3.09
CA PHE A 104 10.77 10.07 -2.79
C PHE A 104 10.91 8.79 -3.63
N PHE A 105 10.35 7.68 -3.16
CA PHE A 105 10.28 6.46 -4.05
C PHE A 105 9.57 6.83 -5.36
N PRO A 106 10.19 6.54 -6.48
CA PRO A 106 9.58 6.91 -7.74
C PRO A 106 8.25 6.22 -8.02
N ARG A 107 8.06 5.02 -7.50
CA ARG A 107 6.78 4.36 -7.78
C ARG A 107 5.62 5.00 -7.01
N ILE A 108 5.92 5.69 -5.94
CA ILE A 108 4.86 6.34 -5.17
C ILE A 108 4.59 7.73 -5.80
N VAL A 109 5.63 8.46 -6.24
CA VAL A 109 5.43 9.65 -7.06
C VAL A 109 4.60 9.31 -8.27
N GLN A 110 4.86 8.16 -8.94
CA GLN A 110 4.08 7.74 -10.07
C GLN A 110 2.61 7.51 -9.71
N ASN A 111 2.37 6.85 -8.58
CA ASN A 111 0.99 6.63 -8.07
C ASN A 111 0.26 7.95 -7.98
N ASN A 112 0.97 9.01 -7.57
CA ASN A 112 0.29 10.27 -7.29
C ASN A 112 0.19 11.15 -8.49
N THR A 113 0.75 10.70 -9.62
CA THR A 113 0.79 11.51 -10.86
C THR A 113 -0.30 11.04 -11.78
N ILE A 114 -1.25 11.90 -12.10
CA ILE A 114 -2.48 11.55 -12.82
C ILE A 114 -2.57 12.50 -14.02
N ARG A 115 -2.49 11.91 -15.20
CA ARG A 115 -2.52 12.73 -16.44
C ARG A 115 -1.52 13.92 -16.35
N GLY A 116 -0.32 13.63 -15.89
CA GLY A 116 0.73 14.61 -15.71
C GLY A 116 0.70 15.48 -14.49
N LYS A 117 -0.39 15.53 -13.79
CA LYS A 117 -0.49 16.39 -12.59
C LYS A 117 0.11 15.60 -11.41
N LEU A 118 1.01 16.24 -10.65
CA LEU A 118 1.45 15.67 -9.37
C LEU A 118 0.38 16.07 -8.37
N THR A 119 -0.47 15.12 -8.00
CA THR A 119 -1.63 15.47 -7.18
C THR A 119 -1.29 15.65 -5.75
N SER A 120 -0.20 15.06 -5.27
CA SER A 120 0.05 14.92 -3.86
C SER A 120 1.47 14.45 -3.62
N LEU A 121 2.01 14.75 -2.44
CA LEU A 121 3.33 14.23 -2.09
C LEU A 121 3.12 12.96 -1.29
N PRO A 122 4.00 11.97 -1.49
CA PRO A 122 4.05 10.81 -0.61
C PRO A 122 4.26 11.18 0.82
N PHE A 123 3.57 10.57 1.74
CA PHE A 123 3.68 10.94 3.18
C PHE A 123 4.21 9.74 3.93
N PHE A 124 3.40 8.71 4.16
CA PHE A 124 3.89 7.45 4.71
C PHE A 124 3.20 6.30 3.96
N THR A 125 3.76 5.10 4.09
CA THR A 125 3.38 4.04 3.16
C THR A 125 3.26 2.71 3.81
N ASP A 126 2.84 1.74 3.00
CA ASP A 126 2.63 0.35 3.34
CA ASP A 126 2.77 0.36 3.33
C ASP A 126 2.64 -0.40 2.02
N ALA A 127 2.95 -1.72 2.03
CA ALA A 127 2.87 -2.50 0.79
C ALA A 127 2.86 -3.96 1.19
N GLY A 128 2.58 -4.84 0.24
CA GLY A 128 2.60 -6.29 0.52
C GLY A 128 4.04 -6.77 0.65
N ILE A 129 4.27 -7.59 1.68
CA ILE A 129 5.58 -8.14 2.01
C ILE A 129 5.53 -9.61 2.36
N LEU A 130 6.71 -10.26 2.33
CA LEU A 130 6.85 -11.63 2.75
C LEU A 130 7.29 -11.69 4.18
N TYR A 131 6.53 -12.42 5.00
CA TYR A 131 6.91 -12.80 6.39
C TYR A 131 7.48 -14.20 6.32
N TYR A 132 8.55 -14.48 7.05
CA TYR A 132 9.12 -15.82 7.08
C TYR A 132 9.58 -16.18 8.48
N ARG A 133 9.45 -17.47 8.80
CA ARG A 133 9.96 -17.99 10.09
C ARG A 133 11.45 -18.28 9.99
N LYS A 134 12.26 -17.44 10.60
CA LYS A 134 13.71 -17.56 10.47
C LYS A 134 14.24 -18.75 11.28
N ASP A 135 13.53 -19.02 12.37
CA ASP A 135 13.87 -20.24 13.16
C ASP A 135 13.73 -21.50 12.33
N LEU A 136 12.65 -21.59 11.58
CA LEU A 136 12.41 -22.76 10.78
C LEU A 136 13.30 -22.82 9.58
N LEU A 137 13.57 -21.70 8.89
CA LEU A 137 14.52 -21.72 7.84
C LEU A 137 15.88 -22.25 8.31
N GLU A 138 16.34 -21.76 9.44
CA GLU A 138 17.65 -22.22 9.97
C GLU A 138 17.60 -23.72 10.26
N LYS A 139 16.51 -24.18 10.83
CA LYS A 139 16.37 -25.59 11.19
C LYS A 139 16.48 -26.51 10.04
N TYR A 140 15.96 -26.11 8.88
CA TYR A 140 15.94 -26.91 7.70
C TYR A 140 17.06 -26.60 6.67
N GLY A 141 18.02 -25.84 7.11
CA GLY A 141 19.26 -25.64 6.33
C GLY A 141 19.25 -24.52 5.34
N TYR A 142 18.26 -23.62 5.44
CA TYR A 142 18.24 -22.47 4.59
C TYR A 142 18.80 -21.20 5.25
N THR A 143 19.66 -20.49 4.57
CA THR A 143 20.26 -19.31 5.17
C THR A 143 19.67 -17.99 4.75
N SER A 144 18.75 -17.98 3.79
CA SER A 144 18.08 -16.74 3.45
CA SER A 144 18.12 -16.74 3.33
C SER A 144 16.65 -17.04 3.01
N PRO A 145 15.79 -16.03 3.09
CA PRO A 145 14.44 -16.24 2.60
C PRO A 145 14.39 -16.42 1.10
N PRO A 146 13.31 -17.05 0.59
CA PRO A 146 13.25 -17.32 -0.82
C PRO A 146 13.25 -16.07 -1.70
N ARG A 147 14.04 -16.11 -2.78
CA ARG A 147 14.05 -15.04 -3.78
CA ARG A 147 14.04 -15.05 -3.81
C ARG A 147 13.06 -15.34 -4.92
N THR A 148 12.77 -16.61 -5.20
CA THR A 148 11.83 -16.98 -6.22
C THR A 148 10.66 -17.75 -5.66
N TRP A 149 9.56 -17.75 -6.41
CA TRP A 149 8.38 -18.54 -6.05
C TRP A 149 8.65 -20.01 -6.02
N ASN A 150 9.51 -20.48 -6.91
CA ASN A 150 9.91 -21.90 -6.83
C ASN A 150 10.65 -22.21 -5.55
N GLU A 151 11.53 -21.34 -5.13
CA GLU A 151 12.25 -21.53 -3.85
C GLU A 151 11.24 -21.53 -2.71
N LEU A 152 10.28 -20.60 -2.74
CA LEU A 152 9.29 -20.58 -1.70
C LEU A 152 8.58 -21.93 -1.59
N GLU A 153 8.15 -22.46 -2.74
CA GLU A 153 7.42 -23.72 -2.74
C GLU A 153 8.32 -24.86 -2.31
N GLN A 154 9.57 -24.89 -2.70
CA GLN A 154 10.54 -25.95 -2.30
C GLN A 154 10.72 -25.89 -0.78
N MET A 155 10.95 -24.71 -0.24
CA MET A 155 11.18 -24.58 1.18
C MET A 155 9.96 -24.97 1.94
N ALA A 156 8.79 -24.52 1.50
CA ALA A 156 7.52 -24.86 2.13
C ALA A 156 7.32 -26.36 2.16
N GLU A 157 7.58 -27.06 1.07
CA GLU A 157 7.33 -28.53 1.09
C GLU A 157 8.30 -29.20 2.08
N ARG A 158 9.54 -28.78 2.13
CA ARG A 158 10.54 -29.42 3.05
CA ARG A 158 10.51 -29.43 3.05
C ARG A 158 10.14 -29.17 4.49
N VAL A 159 9.83 -27.93 4.80
CA VAL A 159 9.56 -27.59 6.18
C VAL A 159 8.25 -28.19 6.60
N MET A 160 7.22 -28.17 5.76
CA MET A 160 5.95 -28.82 6.08
C MET A 160 6.16 -30.32 6.36
N GLU A 161 6.94 -31.01 5.53
CA GLU A 161 7.11 -32.48 5.75
C GLU A 161 7.74 -32.66 7.14
N GLY A 162 8.67 -31.84 7.53
CA GLY A 162 9.41 -32.04 8.77
C GLY A 162 8.57 -31.66 9.96
N GLU A 163 7.81 -30.56 9.86
CA GLU A 163 6.97 -30.20 10.98
C GLU A 163 5.77 -31.04 11.15
N ARG A 164 5.19 -31.59 10.10
CA ARG A 164 4.04 -32.51 10.20
C ARG A 164 4.56 -33.87 10.71
N ARG A 165 5.76 -34.23 10.35
CA ARG A 165 6.30 -35.56 10.76
C ARG A 165 6.45 -35.47 12.23
N ALA A 166 6.96 -34.33 12.72
CA ALA A 166 7.15 -34.08 14.18
C ALA A 166 5.82 -33.95 14.92
N GLY A 167 4.72 -33.82 14.21
CA GLY A 167 3.37 -34.08 14.75
C GLY A 167 2.36 -32.91 14.57
N ASN A 168 2.85 -31.79 14.06
CA ASN A 168 1.95 -30.61 13.96
C ASN A 168 1.06 -30.74 12.69
N ARG A 169 -0.12 -31.35 12.78
CA ARG A 169 -1.01 -31.49 11.65
C ARG A 169 -1.57 -30.16 11.17
N ASP A 170 -1.45 -29.08 11.98
CA ASP A 170 -1.99 -27.77 11.64
C ASP A 170 -0.94 -26.93 10.89
N PHE A 171 0.24 -27.46 10.63
CA PHE A 171 1.31 -26.61 10.04
C PHE A 171 1.21 -26.52 8.51
N TRP A 172 1.35 -25.29 8.00
CA TRP A 172 1.30 -25.02 6.56
C TRP A 172 2.55 -24.30 6.13
N GLY A 173 2.77 -24.27 4.82
CA GLY A 173 3.89 -23.61 4.24
C GLY A 173 3.64 -22.12 3.98
N PHE A 174 2.44 -21.77 3.55
CA PHE A 174 2.19 -20.40 3.06
C PHE A 174 0.75 -20.05 3.26
N VAL A 175 0.53 -18.85 3.75
CA VAL A 175 -0.82 -18.27 3.84
C VAL A 175 -0.82 -16.90 3.22
N PHE A 176 -1.96 -16.57 2.64
CA PHE A 176 -2.15 -15.32 1.88
C PHE A 176 -3.64 -15.02 1.81
N GLN A 177 -4.05 -14.01 1.04
CA GLN A 177 -5.45 -13.60 0.96
C GLN A 177 -6.06 -14.09 -0.31
N GLY A 178 -6.85 -15.15 -0.23
CA GLY A 178 -7.49 -15.73 -1.38
C GLY A 178 -8.99 -15.52 -1.53
N LYS A 179 -9.59 -14.90 -0.54
CA LYS A 179 -11.03 -14.56 -0.57
C LYS A 179 -11.31 -13.64 -1.76
N PRO A 180 -12.53 -13.70 -2.32
CA PRO A 180 -12.90 -12.83 -3.40
C PRO A 180 -13.30 -11.43 -2.90
N TYR A 181 -12.30 -10.58 -2.75
CA TYR A 181 -12.42 -9.23 -2.29
C TYR A 181 -11.21 -8.43 -2.73
N GLU A 182 -11.19 -7.16 -2.34
CA GLU A 182 -10.14 -6.18 -2.74
C GLU A 182 -8.76 -6.70 -2.42
N GLY A 183 -8.59 -7.36 -1.29
CA GLY A 183 -7.28 -7.83 -0.93
C GLY A 183 -6.71 -8.86 -1.90
N LEU A 184 -7.55 -9.67 -2.54
CA LEU A 184 -7.08 -10.60 -3.55
C LEU A 184 -6.55 -9.85 -4.76
N THR A 185 -7.18 -8.74 -5.14
CA THR A 185 -6.66 -7.94 -6.24
C THR A 185 -5.19 -7.58 -5.93
N CYS A 186 -4.95 -7.20 -4.68
CA CYS A 186 -3.61 -6.83 -4.28
C CYS A 186 -2.64 -7.99 -4.30
N ASP A 187 -3.04 -9.17 -3.82
CA ASP A 187 -2.15 -10.36 -3.91
C ASP A 187 -1.88 -10.72 -5.37
N ALA A 188 -2.91 -10.62 -6.22
CA ALA A 188 -2.81 -11.04 -7.60
C ALA A 188 -1.97 -10.14 -8.41
N LEU A 189 -2.02 -8.83 -8.12
CA LEU A 189 -1.14 -7.90 -8.81
C LEU A 189 0.34 -8.28 -8.55
N GLU A 190 0.62 -8.62 -7.29
CA GLU A 190 1.98 -9.05 -6.98
C GLU A 190 2.33 -10.31 -7.77
N TRP A 191 1.47 -11.32 -7.76
CA TRP A 191 1.77 -12.56 -8.50
C TRP A 191 2.04 -12.22 -9.96
N ILE A 192 1.12 -11.51 -10.61
CA ILE A 192 1.25 -11.29 -12.02
C ILE A 192 2.48 -10.47 -12.33
N TYR A 193 2.65 -9.34 -11.65
CA TYR A 193 3.76 -8.44 -11.98
C TYR A 193 5.10 -9.12 -11.73
N SER A 194 5.19 -9.92 -10.67
CA SER A 194 6.43 -10.59 -10.30
C SER A 194 6.74 -11.77 -11.21
N HIS A 195 5.83 -12.15 -12.09
CA HIS A 195 6.12 -13.11 -13.17
C HIS A 195 6.52 -12.42 -14.50
N GLY A 196 6.62 -11.09 -14.48
CA GLY A 196 6.80 -10.37 -15.72
C GLY A 196 5.57 -10.21 -16.53
N GLY A 197 4.41 -10.47 -15.87
CA GLY A 197 3.13 -10.42 -16.54
C GLY A 197 2.42 -9.07 -16.59
N GLY A 198 3.08 -7.99 -16.14
CA GLY A 198 2.51 -6.70 -16.19
C GLY A 198 1.72 -6.29 -14.98
N ARG A 199 1.07 -5.14 -15.17
CA ARG A 199 0.33 -4.46 -14.13
C ARG A 199 -1.18 -4.55 -14.23
N ILE A 200 -1.65 -5.52 -15.03
CA ILE A 200 -3.09 -5.81 -15.29
C ILE A 200 -3.65 -4.76 -16.25
N VAL A 201 -3.67 -3.54 -15.80
CA VAL A 201 -3.90 -2.35 -16.65
C VAL A 201 -2.74 -1.46 -16.46
N GLU A 202 -2.06 -1.11 -17.54
CA GLU A 202 -0.88 -0.32 -17.48
C GLU A 202 -1.18 1.14 -17.26
N PRO A 203 -0.18 1.95 -16.82
CA PRO A 203 -0.43 3.38 -16.59
C PRO A 203 -0.91 4.08 -17.87
N ASP A 204 -0.54 3.59 -19.05
CA ASP A 204 -1.00 4.24 -20.29
C ASP A 204 -2.34 3.77 -20.74
N GLY A 205 -3.05 2.94 -19.94
CA GLY A 205 -4.32 2.40 -20.25
C GLY A 205 -4.38 1.05 -20.92
N THR A 206 -3.22 0.53 -21.34
CA THR A 206 -3.22 -0.75 -21.98
C THR A 206 -3.70 -1.86 -21.04
N ILE A 207 -4.70 -2.61 -21.47
CA ILE A 207 -5.15 -3.77 -20.72
C ILE A 207 -4.24 -4.93 -21.10
N SER A 208 -3.25 -5.23 -20.27
CA SER A 208 -2.17 -6.12 -20.63
C SER A 208 -2.26 -7.52 -20.08
N VAL A 209 -3.27 -7.81 -19.26
CA VAL A 209 -3.27 -9.07 -18.50
C VAL A 209 -3.39 -10.37 -19.26
N ASN A 210 -3.92 -10.31 -20.48
CA ASN A 210 -4.04 -11.55 -21.24
C ASN A 210 -2.72 -11.86 -21.88
N ASN A 211 -1.88 -12.55 -21.09
CA ASN A 211 -0.57 -12.92 -21.53
C ASN A 211 -0.09 -14.18 -20.83
N GLY A 212 0.90 -14.84 -21.46
CA GLY A 212 1.34 -16.09 -20.96
C GLY A 212 1.99 -16.12 -19.60
N ARG A 213 2.63 -15.05 -19.21
CA ARG A 213 3.26 -14.96 -17.90
C ARG A 213 2.20 -14.76 -16.81
N ALA A 214 1.24 -13.88 -17.09
CA ALA A 214 0.10 -13.73 -16.16
C ALA A 214 -0.67 -15.01 -15.92
N ALA A 215 -0.88 -15.78 -16.99
CA ALA A 215 -1.61 -17.03 -16.84
C ALA A 215 -0.86 -17.98 -15.91
N LEU A 216 0.46 -18.06 -16.14
CA LEU A 216 1.23 -18.95 -15.27
C LEU A 216 1.17 -18.47 -13.81
N ALA A 217 1.26 -17.17 -13.60
CA ALA A 217 1.19 -16.65 -12.25
C ALA A 217 -0.04 -17.18 -11.50
N LEU A 218 -1.17 -17.14 -12.21
CA LEU A 218 -2.40 -17.60 -11.60
C LEU A 218 -2.50 -19.11 -11.42
N ASN A 219 -2.02 -19.86 -12.40
CA ASN A 219 -1.99 -21.31 -12.25
C ASN A 219 -1.06 -21.74 -11.12
N ARG A 220 0.09 -21.02 -11.00
CA ARG A 220 1.03 -21.28 -9.89
C ARG A 220 0.33 -21.12 -8.55
N ALA A 221 -0.45 -20.02 -8.42
CA ALA A 221 -1.17 -19.76 -7.17
C ALA A 221 -2.21 -20.79 -6.89
N HIS A 222 -2.94 -21.26 -7.91
CA HIS A 222 -3.84 -22.40 -7.71
C HIS A 222 -3.11 -23.65 -7.21
N GLY A 223 -1.90 -23.82 -7.72
CA GLY A 223 -1.08 -24.96 -7.32
C GLY A 223 -0.70 -24.95 -5.90
N TRP A 224 -0.72 -23.81 -5.18
CA TRP A 224 -0.49 -23.78 -3.78
C TRP A 224 -1.63 -24.29 -2.93
N VAL A 225 -2.85 -24.11 -3.45
CA VAL A 225 -4.07 -24.28 -2.64
C VAL A 225 -4.32 -25.74 -2.27
N GLY A 226 -4.33 -25.99 -0.97
CA GLY A 226 -4.49 -27.37 -0.48
C GLY A 226 -3.20 -28.09 -0.47
N ARG A 227 -2.07 -27.52 -0.86
CA ARG A 227 -0.79 -28.20 -0.99
C ARG A 227 0.17 -27.54 -0.03
N ILE A 228 0.74 -26.39 -0.32
CA ILE A 228 1.50 -25.68 0.68
C ILE A 228 0.71 -24.65 1.48
N ALA A 229 -0.49 -24.31 0.96
CA ALA A 229 -1.45 -23.43 1.61
C ALA A 229 -2.71 -24.19 1.98
N PRO A 230 -3.39 -23.78 3.06
CA PRO A 230 -4.63 -24.52 3.41
C PRO A 230 -5.67 -24.45 2.30
N GLN A 231 -6.50 -25.48 2.15
CA GLN A 231 -7.55 -25.36 1.19
C GLN A 231 -8.43 -24.16 1.51
N GLY A 232 -8.57 -23.85 2.77
CA GLY A 232 -9.32 -22.71 3.20
C GLY A 232 -8.77 -21.36 2.86
N VAL A 233 -7.61 -21.29 2.26
CA VAL A 233 -7.00 -19.99 1.91
C VAL A 233 -7.88 -19.23 0.97
N THR A 234 -8.75 -19.91 0.20
CA THR A 234 -9.67 -19.27 -0.69
C THR A 234 -10.76 -18.49 0.03
N SER A 235 -10.82 -18.58 1.36
CA SER A 235 -11.72 -17.74 2.16
CA SER A 235 -11.73 -17.71 2.13
C SER A 235 -10.98 -16.73 3.02
N TYR A 236 -9.63 -16.65 2.90
CA TYR A 236 -8.88 -15.82 3.82
C TYR A 236 -8.75 -14.37 3.38
N ALA A 237 -9.01 -13.45 4.30
CA ALA A 237 -8.55 -12.06 4.17
C ALA A 237 -7.33 -11.87 5.07
N GLU A 238 -6.95 -10.66 5.36
CA GLU A 238 -5.71 -10.41 6.03
C GLU A 238 -5.63 -11.02 7.42
N GLU A 239 -6.72 -10.98 8.17
CA GLU A 239 -6.66 -11.48 9.53
C GLU A 239 -6.74 -13.01 9.64
N GLU A 240 -7.42 -13.66 8.71
CA GLU A 240 -7.37 -15.13 8.71
C GLU A 240 -6.02 -15.66 8.41
N ALA A 241 -5.31 -15.02 7.47
CA ALA A 241 -3.96 -15.38 7.24
C ALA A 241 -3.07 -15.13 8.43
N ARG A 242 -3.21 -13.92 9.03
CA ARG A 242 -2.38 -13.59 10.20
C ARG A 242 -2.65 -14.57 11.35
N ASN A 243 -3.90 -15.02 11.49
CA ASN A 243 -4.18 -15.96 12.59
CA ASN A 243 -4.17 -15.95 12.60
C ASN A 243 -3.39 -17.23 12.50
N VAL A 244 -3.33 -17.82 11.32
CA VAL A 244 -2.59 -19.07 11.17
C VAL A 244 -1.11 -18.88 11.42
N TRP A 245 -0.61 -17.77 10.81
CA TRP A 245 0.79 -17.36 10.98
C TRP A 245 1.19 -17.11 12.40
N GLN A 246 0.36 -16.36 13.10
CA GLN A 246 0.76 -15.90 14.42
C GLN A 246 0.63 -17.02 15.44
N GLN A 247 -0.18 -18.02 15.16
CA GLN A 247 -0.28 -19.26 16.01
C GLN A 247 0.99 -20.05 15.86
N GLY A 248 1.87 -19.77 14.90
CA GLY A 248 3.04 -20.52 14.66
C GLY A 248 2.88 -21.59 13.58
N ASN A 249 1.82 -21.49 12.80
CA ASN A 249 1.46 -22.60 11.93
C ASN A 249 1.65 -22.31 10.46
N SER A 250 2.50 -21.30 10.11
CA SER A 250 2.83 -21.14 8.69
C SER A 250 4.28 -20.73 8.54
N LEU A 251 5.01 -21.32 7.63
CA LEU A 251 6.40 -20.95 7.38
C LEU A 251 6.49 -19.50 6.80
N PHE A 252 5.58 -19.23 5.89
CA PHE A 252 5.54 -17.95 5.14
C PHE A 252 4.13 -17.33 5.20
N MET A 253 4.10 -16.00 5.11
CA MET A 253 2.84 -15.31 4.93
C MET A 253 3.08 -14.10 4.05
N ARG A 254 2.17 -13.86 3.14
CA ARG A 254 2.06 -12.52 2.49
C ARG A 254 1.07 -11.68 3.21
N ASN A 255 1.47 -10.46 3.62
CA ASN A 255 0.55 -9.57 4.28
C ASN A 255 1.11 -8.14 4.23
N TRP A 256 0.31 -7.22 4.74
CA TRP A 256 0.73 -5.85 4.91
C TRP A 256 1.62 -5.76 6.11
N PRO A 257 2.29 -4.61 6.30
CA PRO A 257 3.24 -4.48 7.42
C PRO A 257 2.67 -4.45 8.82
N TYR A 258 1.39 -4.23 8.99
CA TYR A 258 0.84 -4.13 10.36
C TYR A 258 1.05 -5.41 11.17
N ALA A 259 1.14 -6.55 10.50
CA ALA A 259 1.32 -7.80 11.21
C ALA A 259 2.66 -7.93 11.96
N TYR A 260 3.65 -7.14 11.57
CA TYR A 260 4.95 -7.24 12.17
C TYR A 260 4.91 -6.92 13.69
N ALA A 261 4.40 -5.77 14.04
CA ALA A 261 4.39 -5.43 15.45
C ALA A 261 3.48 -6.37 16.21
N LEU A 262 2.37 -6.79 15.62
CA LEU A 262 1.47 -7.71 16.33
C LEU A 262 2.17 -9.05 16.61
N GLY A 263 3.01 -9.52 15.69
CA GLY A 263 3.75 -10.75 15.93
C GLY A 263 4.85 -10.69 16.94
N GLN A 264 5.31 -9.44 17.21
CA GLN A 264 6.37 -9.20 18.18
C GLN A 264 5.79 -8.93 19.58
N ALA A 265 4.48 -8.92 19.72
CA ALA A 265 3.87 -8.64 21.06
C ALA A 265 4.21 -9.72 22.11
N GLU A 266 4.15 -9.36 23.41
CA GLU A 266 4.63 -10.25 24.49
C GLU A 266 4.15 -11.73 24.50
N GLY A 267 2.89 -11.92 24.19
CA GLY A 267 2.30 -13.20 24.23
C GLY A 267 2.30 -13.91 22.90
N SER A 268 2.86 -13.28 21.87
CA SER A 268 2.87 -13.91 20.56
C SER A 268 3.77 -15.10 20.50
N PRO A 269 3.23 -16.22 20.03
CA PRO A 269 4.00 -17.45 19.93
C PRO A 269 5.20 -17.35 19.06
N ILE A 270 5.16 -16.39 18.10
CA ILE A 270 6.25 -16.23 17.17
C ILE A 270 7.16 -15.04 17.41
N ARG A 271 7.00 -14.40 18.53
CA ARG A 271 7.85 -13.27 18.84
CA ARG A 271 7.87 -13.26 18.91
C ARG A 271 9.33 -13.63 18.76
N GLY A 272 10.09 -12.80 18.05
CA GLY A 272 11.47 -13.03 17.80
C GLY A 272 11.91 -14.13 16.81
N LYS A 273 10.93 -14.77 16.17
CA LYS A 273 11.19 -15.89 15.33
C LYS A 273 11.01 -15.58 13.84
N PHE A 274 10.80 -14.33 13.47
CA PHE A 274 10.48 -14.06 12.04
C PHE A 274 11.21 -12.86 11.49
N GLY A 275 11.27 -12.79 10.15
CA GLY A 275 11.74 -11.64 9.45
C GLY A 275 10.75 -11.33 8.35
N VAL A 276 11.05 -10.23 7.70
CA VAL A 276 10.32 -9.77 6.51
C VAL A 276 11.28 -9.43 5.39
N THR A 277 10.77 -9.54 4.15
CA THR A 277 11.54 -9.18 2.95
C THR A 277 10.55 -8.90 1.85
N VAL A 278 11.04 -8.55 0.67
CA VAL A 278 10.24 -8.45 -0.55
C VAL A 278 9.67 -9.81 -0.92
N LEU A 279 8.47 -9.78 -1.50
CA LEU A 279 7.86 -11.01 -1.98
C LEU A 279 8.79 -11.62 -3.04
N PRO A 280 8.72 -12.95 -3.25
CA PRO A 280 9.52 -13.57 -4.28
C PRO A 280 9.05 -13.13 -5.65
N LYS A 281 9.86 -13.53 -6.64
CA LYS A 281 9.50 -13.30 -8.05
C LYS A 281 9.79 -14.54 -8.82
N ALA A 282 9.39 -14.56 -10.09
CA ALA A 282 9.48 -15.84 -10.83
C ALA A 282 10.91 -16.25 -11.09
N SER A 283 11.77 -15.31 -11.39
CA SER A 283 13.16 -15.57 -11.75
C SER A 283 13.94 -14.27 -11.63
N ALA A 284 15.29 -14.32 -11.71
CA ALA A 284 16.07 -13.13 -11.56
C ALA A 284 15.83 -12.07 -12.58
N ASP A 285 15.48 -12.47 -13.81
CA ASP A 285 15.18 -11.54 -14.87
C ASP A 285 13.80 -10.88 -14.78
N ALA A 286 12.91 -11.45 -13.93
CA ALA A 286 11.60 -10.86 -13.69
C ALA A 286 11.76 -9.72 -12.69
N PRO A 287 10.77 -8.83 -12.57
CA PRO A 287 10.81 -7.80 -11.53
C PRO A 287 10.15 -8.27 -10.25
N ASN A 288 10.54 -7.71 -9.10
CA ASN A 288 9.79 -7.84 -7.88
C ASN A 288 8.58 -6.96 -7.89
N ALA A 289 7.69 -7.19 -6.95
CA ALA A 289 6.43 -6.44 -6.81
C ALA A 289 6.01 -6.37 -5.38
N ALA A 290 5.35 -5.24 -5.01
CA ALA A 290 4.69 -5.04 -3.72
C ALA A 290 3.55 -4.11 -3.97
N THR A 291 2.31 -4.55 -3.74
CA THR A 291 1.18 -3.68 -4.01
C THR A 291 1.16 -2.55 -3.02
N LEU A 292 0.99 -1.33 -3.51
CA LEU A 292 1.17 -0.11 -2.72
C LEU A 292 -0.04 0.33 -1.97
N GLY A 293 0.13 0.62 -0.67
CA GLY A 293 -0.89 1.25 0.16
C GLY A 293 -0.41 2.59 0.60
N GLY A 294 -0.96 3.11 1.64
CA GLY A 294 -0.48 4.36 2.23
C GLY A 294 -1.18 5.61 1.95
N TRP A 295 -0.60 6.71 2.37
CA TRP A 295 -1.28 8.00 2.44
C TRP A 295 -0.43 9.08 1.86
N GLN A 296 -1.09 10.04 1.22
CA GLN A 296 -0.49 11.16 0.50
C GLN A 296 -1.00 12.51 1.02
N LEU A 297 -0.32 13.58 0.70
CA LEU A 297 -0.75 14.92 1.09
C LEU A 297 -1.02 15.76 -0.15
N MET A 298 -2.28 16.28 -0.24
CA MET A 298 -2.77 17.04 -1.38
CA MET A 298 -2.64 17.09 -1.40
C MET A 298 -2.99 18.48 -0.94
N VAL A 299 -2.66 19.44 -1.79
CA VAL A 299 -3.10 20.83 -1.60
C VAL A 299 -4.38 20.99 -2.41
N SER A 300 -5.39 21.66 -1.84
CA SER A 300 -6.60 21.86 -2.52
C SER A 300 -6.48 22.79 -3.73
N ALA A 301 -7.10 22.41 -4.83
CA ALA A 301 -7.27 23.31 -5.95
C ALA A 301 -8.03 24.58 -5.61
N TYR A 302 -8.75 24.52 -4.50
CA TYR A 302 -9.57 25.65 -4.04
C TYR A 302 -8.92 26.42 -2.96
N SER A 303 -7.70 26.11 -2.53
CA SER A 303 -7.01 26.90 -1.57
C SER A 303 -6.82 28.32 -2.08
N ARG A 304 -7.09 29.25 -1.16
CA ARG A 304 -6.79 30.66 -1.42
C ARG A 304 -5.36 31.00 -1.17
N TYR A 305 -4.59 30.10 -0.58
CA TYR A 305 -3.19 30.29 -0.23
C TYR A 305 -2.32 29.13 -0.75
N PRO A 306 -2.33 28.89 -2.06
CA PRO A 306 -1.62 27.74 -2.60
C PRO A 306 -0.16 27.70 -2.25
N LYS A 307 0.56 28.83 -2.27
CA LYS A 307 1.98 28.75 -2.03
CA LYS A 307 2.00 28.82 -1.98
C LYS A 307 2.27 28.35 -0.59
N GLU A 308 1.52 28.91 0.37
CA GLU A 308 1.72 28.60 1.77
C GLU A 308 1.32 27.16 2.08
N ALA A 309 0.24 26.69 1.43
CA ALA A 309 -0.20 25.34 1.60
C ALA A 309 0.83 24.30 1.09
N VAL A 310 1.41 24.61 -0.03
CA VAL A 310 2.50 23.82 -0.56
C VAL A 310 3.68 23.82 0.41
N ASP A 311 4.01 24.99 0.99
CA ASP A 311 5.07 25.01 1.93
C ASP A 311 4.84 24.03 3.11
N LEU A 312 3.60 24.02 3.62
CA LEU A 312 3.23 23.11 4.71
C LEU A 312 3.32 21.64 4.26
N VAL A 313 2.81 21.34 3.07
CA VAL A 313 2.92 19.96 2.56
C VAL A 313 4.36 19.53 2.41
N LYS A 314 5.21 20.43 1.88
CA LYS A 314 6.63 20.03 1.77
C LYS A 314 7.22 19.80 3.11
N TYR A 315 6.81 20.58 4.12
CA TYR A 315 7.29 20.37 5.45
C TYR A 315 6.84 19.04 6.04
N LEU A 316 5.55 18.74 5.91
CA LEU A 316 5.03 17.49 6.44
C LEU A 316 5.66 16.26 5.78
N ALA A 317 6.04 16.40 4.49
CA ALA A 317 6.66 15.28 3.79
C ALA A 317 8.17 15.34 3.83
N SER A 318 8.74 16.29 4.59
CA SER A 318 10.17 16.49 4.64
C SER A 318 10.91 15.34 5.32
N TYR A 319 12.23 15.34 5.10
CA TYR A 319 13.09 14.31 5.71
C TYR A 319 12.87 14.22 7.22
N GLU A 320 12.96 15.36 7.90
CA GLU A 320 12.89 15.32 9.35
C GLU A 320 11.52 14.98 9.89
N VAL A 321 10.46 15.41 9.21
CA VAL A 321 9.10 15.07 9.70
C VAL A 321 8.83 13.60 9.48
N GLN A 322 9.17 13.11 8.29
CA GLN A 322 9.04 11.64 8.07
C GLN A 322 9.85 10.83 9.09
N LYS A 323 11.06 11.33 9.39
CA LYS A 323 11.92 10.66 10.32
C LYS A 323 11.23 10.59 11.70
N ASP A 324 10.67 11.71 12.16
CA ASP A 324 9.90 11.75 13.41
C ASP A 324 8.79 10.76 13.36
N ASN A 325 8.07 10.66 12.25
CA ASN A 325 6.96 9.73 12.12
C ASN A 325 7.49 8.30 12.24
N ALA A 326 8.64 7.99 11.68
CA ALA A 326 9.21 6.65 11.76
C ALA A 326 9.67 6.33 13.17
N VAL A 327 10.39 7.25 13.80
CA VAL A 327 10.99 6.98 15.13
C VAL A 327 9.87 6.94 16.16
N ARG A 328 8.92 7.84 16.15
CA ARG A 328 7.92 7.93 17.20
C ARG A 328 6.76 7.02 16.98
N LEU A 329 6.30 6.84 15.75
CA LEU A 329 5.05 6.11 15.45
C LEU A 329 5.27 4.86 14.56
N SER A 330 6.48 4.59 14.16
CA SER A 330 6.82 3.48 13.29
C SER A 330 6.08 3.51 11.97
N ARG A 331 5.76 4.70 11.44
CA ARG A 331 5.26 4.80 10.09
C ARG A 331 6.36 4.66 9.09
N LEU A 332 6.10 3.90 8.03
CA LEU A 332 7.11 3.65 6.99
C LEU A 332 7.31 4.84 6.09
N PRO A 333 8.55 5.37 6.00
CA PRO A 333 8.80 6.56 5.19
C PRO A 333 8.62 6.33 3.69
N THR A 334 8.46 7.44 2.96
CA THR A 334 8.38 7.40 1.54
C THR A 334 9.66 7.90 0.83
N ARG A 335 10.74 7.99 1.63
CA ARG A 335 12.07 8.42 1.20
C ARG A 335 13.03 7.30 1.40
N PRO A 336 13.65 6.76 0.32
CA PRO A 336 14.60 5.69 0.50
C PRO A 336 15.76 5.98 1.46
N ALA A 337 16.19 7.22 1.53
CA ALA A 337 17.33 7.54 2.44
C ALA A 337 17.02 7.23 3.86
N LEU A 338 15.74 7.31 4.27
CA LEU A 338 15.44 7.01 5.65
C LEU A 338 15.56 5.58 6.06
N TYR A 339 15.60 4.70 5.07
CA TYR A 339 15.72 3.25 5.34
C TYR A 339 17.11 2.84 5.69
N THR A 340 18.08 3.73 5.56
CA THR A 340 19.44 3.50 6.09
C THR A 340 19.80 4.56 7.10
N ASP A 341 18.87 5.39 7.57
CA ASP A 341 19.15 6.39 8.58
C ASP A 341 19.43 5.63 9.87
N ARG A 342 20.57 5.99 10.50
CA ARG A 342 20.98 5.20 11.63
C ARG A 342 20.03 5.36 12.81
N ASP A 343 19.37 6.51 12.96
CA ASP A 343 18.45 6.68 14.06
C ASP A 343 17.14 5.95 13.80
N VAL A 344 16.66 5.96 12.55
CA VAL A 344 15.46 5.17 12.20
C VAL A 344 15.73 3.68 12.46
N LEU A 345 16.89 3.20 12.02
CA LEU A 345 17.18 1.73 12.17
C LEU A 345 17.47 1.39 13.59
N ALA A 346 17.95 2.32 14.40
CA ALA A 346 18.16 1.99 15.84
C ALA A 346 16.83 1.71 16.49
N ARG A 347 15.75 2.43 16.16
CA ARG A 347 14.42 2.19 16.67
C ARG A 347 13.68 1.04 15.99
N ASN A 348 13.80 0.91 14.68
CA ASN A 348 13.05 -0.01 13.81
CA ASN A 348 13.10 -0.14 13.89
C ASN A 348 14.05 -0.78 12.90
N PRO A 349 14.89 -1.72 13.39
CA PRO A 349 15.90 -2.28 12.51
C PRO A 349 15.35 -3.00 11.29
N TRP A 350 14.16 -3.58 11.43
CA TRP A 350 13.55 -4.31 10.34
C TRP A 350 13.13 -3.45 9.19
N PHE A 351 13.10 -2.14 9.40
CA PHE A 351 12.75 -1.30 8.26
C PHE A 351 13.72 -1.46 7.08
N ARG A 352 15.00 -1.74 7.41
CA ARG A 352 16.00 -1.87 6.34
C ARG A 352 15.59 -2.90 5.31
N ASP A 353 14.90 -3.93 5.81
CA ASP A 353 14.53 -5.02 4.97
C ASP A 353 13.42 -4.66 4.01
N LEU A 354 12.77 -3.53 4.26
CA LEU A 354 11.69 -3.09 3.40
C LEU A 354 12.12 -2.16 2.29
N LEU A 355 13.42 -1.75 2.26
CA LEU A 355 13.87 -0.91 1.16
C LEU A 355 13.53 -1.54 -0.20
N PRO A 356 13.83 -2.82 -0.44
CA PRO A 356 13.50 -3.37 -1.78
C PRO A 356 12.03 -3.51 -2.04
N VAL A 357 11.22 -3.53 -0.98
CA VAL A 357 9.80 -3.55 -1.16
C VAL A 357 9.36 -2.28 -1.88
N PHE A 358 9.70 -1.12 -1.32
CA PHE A 358 9.21 0.11 -1.88
C PHE A 358 9.91 0.52 -3.18
N GLN A 359 11.15 0.07 -3.37
CA GLN A 359 11.80 0.25 -4.66
C GLN A 359 11.05 -0.53 -5.76
N ASN A 360 10.24 -1.52 -5.39
CA ASN A 360 9.49 -2.36 -6.31
C ASN A 360 7.99 -2.27 -6.12
N ALA A 361 7.51 -1.18 -5.57
CA ALA A 361 6.09 -0.99 -5.34
C ALA A 361 5.34 -0.87 -6.64
N VAL A 362 4.15 -1.43 -6.71
CA VAL A 362 3.32 -1.31 -7.89
C VAL A 362 1.92 -0.94 -7.38
N SER A 363 1.22 -0.09 -8.17
CA SER A 363 -0.08 0.30 -7.78
C SER A 363 -1.20 -0.46 -8.49
N ALA A 364 -2.31 -0.69 -7.77
CA ALA A 364 -3.52 -1.13 -8.37
C ALA A 364 -3.93 -0.03 -9.34
N PRO A 365 -4.75 -0.35 -10.35
CA PRO A 365 -4.93 0.58 -11.53
C PRO A 365 -5.92 1.69 -11.30
N SER A 366 -5.88 2.32 -10.15
CA SER A 366 -6.72 3.46 -9.86
C SER A 366 -6.39 4.68 -10.69
N ASP A 367 -5.17 4.83 -11.13
CA ASP A 367 -4.84 5.93 -12.04
C ASP A 367 -5.67 5.96 -13.29
N VAL A 368 -5.94 4.78 -13.84
CA VAL A 368 -6.59 4.64 -15.12
C VAL A 368 -8.05 4.36 -14.97
N ALA A 369 -8.49 3.79 -13.89
CA ALA A 369 -9.89 3.40 -13.79
C ALA A 369 -10.83 4.48 -13.39
N GLY A 370 -10.28 5.52 -12.75
CA GLY A 370 -11.17 6.58 -12.22
C GLY A 370 -12.31 6.05 -11.34
N ALA A 371 -13.54 6.47 -11.72
CA ALA A 371 -14.77 6.18 -10.94
C ALA A 371 -15.14 4.71 -11.07
N ARG A 372 -14.45 4.00 -11.93
CA ARG A 372 -14.74 2.59 -12.15
C ARG A 372 -13.75 1.64 -11.52
N TYR A 373 -12.99 2.14 -10.60
CA TYR A 373 -12.02 1.26 -9.90
C TYR A 373 -12.66 0.06 -9.27
N ASN A 374 -13.71 0.25 -8.51
CA ASN A 374 -14.28 -0.90 -7.86
C ASN A 374 -14.77 -1.95 -8.82
N GLN A 375 -15.35 -1.55 -9.95
CA GLN A 375 -15.76 -2.49 -10.99
C GLN A 375 -14.52 -3.26 -11.50
N VAL A 376 -13.43 -2.55 -11.79
CA VAL A 376 -12.26 -3.22 -12.33
C VAL A 376 -11.69 -4.16 -11.27
N SER A 377 -11.53 -3.72 -10.05
CA SER A 377 -11.04 -4.59 -8.99
C SER A 377 -11.89 -5.87 -8.80
N GLU A 378 -13.21 -5.68 -8.83
CA GLU A 378 -14.10 -6.83 -8.67
C GLU A 378 -13.89 -7.82 -9.80
N ALA A 379 -13.72 -7.35 -11.01
CA ALA A 379 -13.40 -8.24 -12.14
C ALA A 379 -12.12 -9.06 -11.83
N ILE A 380 -11.09 -8.36 -11.39
CA ILE A 380 -9.83 -9.00 -11.11
C ILE A 380 -9.98 -10.04 -10.03
N TRP A 381 -10.55 -9.66 -8.85
CA TRP A 381 -10.59 -10.65 -7.79
C TRP A 381 -11.50 -11.84 -8.18
N THR A 382 -12.56 -11.58 -8.97
CA THR A 382 -13.49 -12.68 -9.32
C THR A 382 -12.77 -13.69 -10.22
N GLU A 383 -12.11 -13.18 -11.27
CA GLU A 383 -11.43 -14.09 -12.20
C GLU A 383 -10.29 -14.83 -11.51
N VAL A 384 -9.54 -14.11 -10.69
CA VAL A 384 -8.41 -14.77 -9.98
C VAL A 384 -8.93 -15.81 -9.01
N HIS A 385 -9.99 -15.48 -8.26
CA HIS A 385 -10.58 -16.44 -7.33
C HIS A 385 -11.12 -17.67 -8.05
N SER A 386 -11.63 -17.50 -9.27
CA SER A 386 -12.05 -18.63 -10.11
C SER A 386 -10.91 -19.58 -10.33
N VAL A 387 -9.71 -19.06 -10.53
CA VAL A 387 -8.53 -19.90 -10.69
C VAL A 387 -8.15 -20.57 -9.39
N LEU A 388 -8.12 -19.82 -8.29
CA LEU A 388 -7.69 -20.42 -7.00
C LEU A 388 -8.60 -21.58 -6.58
N THR A 389 -9.91 -21.51 -6.91
CA THR A 389 -10.86 -22.54 -6.54
C THR A 389 -10.94 -23.64 -7.58
N GLY A 390 -10.16 -23.58 -8.63
CA GLY A 390 -10.14 -24.66 -9.60
C GLY A 390 -11.24 -24.61 -10.63
N ARG A 391 -12.05 -23.57 -10.61
CA ARG A 391 -13.18 -23.50 -11.53
C ARG A 391 -12.80 -23.09 -12.94
N LYS A 392 -11.65 -22.42 -13.14
CA LYS A 392 -11.11 -22.23 -14.44
CA LYS A 392 -11.12 -21.98 -14.40
C LYS A 392 -9.60 -22.14 -14.33
N LYS A 393 -8.97 -22.34 -15.46
CA LYS A 393 -7.50 -22.27 -15.53
C LYS A 393 -7.11 -20.83 -15.83
N GLY A 394 -5.82 -20.55 -15.63
CA GLY A 394 -5.28 -19.22 -15.82
C GLY A 394 -5.41 -18.64 -17.20
N GLU A 395 -5.22 -19.47 -18.25
CA GLU A 395 -5.35 -18.98 -19.59
C GLU A 395 -6.76 -18.42 -19.86
N GLN A 396 -7.78 -19.16 -19.47
CA GLN A 396 -9.16 -18.67 -19.67
C GLN A 396 -9.40 -17.45 -18.77
N ALA A 397 -8.94 -17.50 -17.52
CA ALA A 397 -9.22 -16.41 -16.61
C ALA A 397 -8.64 -15.10 -17.14
N VAL A 398 -7.39 -15.09 -17.63
CA VAL A 398 -6.80 -13.85 -18.05
C VAL A 398 -7.47 -13.32 -19.30
N ARG A 399 -7.94 -14.25 -20.14
CA ARG A 399 -8.69 -13.85 -21.33
C ARG A 399 -10.02 -13.22 -20.94
N ASP A 400 -10.70 -13.85 -20.07
CA ASP A 400 -12.00 -13.40 -19.59
C ASP A 400 -11.81 -12.09 -18.82
N LEU A 401 -10.74 -12.00 -18.05
CA LEU A 401 -10.51 -10.78 -17.30
C LEU A 401 -10.22 -9.59 -18.22
N GLU A 402 -9.40 -9.78 -19.28
CA GLU A 402 -9.18 -8.70 -20.25
C GLU A 402 -10.53 -8.23 -20.80
N ALA A 403 -11.38 -9.19 -21.16
CA ALA A 403 -12.67 -8.83 -21.77
C ALA A 403 -13.52 -8.05 -20.81
N ARG A 404 -13.51 -8.45 -19.56
CA ARG A 404 -14.33 -7.76 -18.52
C ARG A 404 -13.87 -6.35 -18.30
N ILE A 405 -12.53 -6.18 -18.18
CA ILE A 405 -12.02 -4.84 -17.95
C ILE A 405 -12.25 -3.99 -19.17
N ARG A 406 -12.10 -4.57 -20.37
CA ARG A 406 -12.32 -3.79 -21.61
C ARG A 406 -13.75 -3.26 -21.62
N ARG A 407 -14.71 -4.08 -21.24
CA ARG A 407 -16.12 -3.64 -21.22
CA ARG A 407 -16.13 -3.65 -21.22
C ARG A 407 -16.31 -2.52 -20.24
N ILE A 408 -15.71 -2.59 -19.08
CA ILE A 408 -15.86 -1.56 -18.05
C ILE A 408 -15.26 -0.25 -18.49
N LEU A 409 -14.09 -0.27 -19.11
CA LEU A 409 -13.34 0.98 -19.45
C LEU A 409 -13.70 1.55 -20.82
N ARG A 410 -14.47 0.81 -21.60
CA ARG A 410 -14.87 1.22 -22.98
C ARG A 410 -15.66 2.51 -22.92
N HIS A 411 -15.51 3.36 -23.95
CA HIS A 411 -16.41 4.50 -24.10
C HIS A 411 -17.82 4.00 -24.49
N HIS A 412 -18.83 4.50 -23.78
CA HIS A 412 -20.26 4.21 -24.07
C HIS A 412 -20.60 4.29 -25.57
N HIS A 413 -20.34 5.45 -26.18
CA HIS A 413 -20.68 5.71 -27.59
C HIS A 413 -19.76 4.95 -28.55
N HIS A 414 -20.30 3.88 -29.17
CA HIS A 414 -19.59 3.11 -30.19
C HIS A 414 -19.76 3.73 -31.59
N HIS A 415 -18.77 3.48 -32.45
CA HIS A 415 -18.75 4.02 -33.82
C HIS A 415 -18.27 2.99 -34.85
N HIS A 416 -19.22 2.41 -35.59
CA HIS A 416 -18.95 1.35 -36.64
C HIS A 416 -18.93 2.03 -38.03
C ACT B . 15.19 -4.07 -6.69
O ACT B . 15.07 -3.46 -7.78
OXT ACT B . 15.12 -5.30 -6.59
CH3 ACT B . 15.40 -3.30 -5.44
C ACT C . 4.55 0.74 -12.34
O ACT C . 4.54 1.39 -11.34
OXT ACT C . 3.70 0.85 -13.23
CH3 ACT C . 5.72 -0.15 -12.40
C1 GOL D . -9.15 19.25 16.05
O1 GOL D . -8.13 20.26 15.82
C2 GOL D . -10.25 20.02 16.76
O2 GOL D . -9.71 20.76 17.87
C3 GOL D . -11.28 19.04 17.28
O3 GOL D . -12.41 19.03 16.40
C1 PEG E . 2.83 -6.46 -19.84
O1 PEG E . 3.30 -5.15 -19.83
C2 PEG E . 4.09 -7.25 -19.63
O2 PEG E . 3.83 -8.63 -19.42
C3 PEG E . 3.03 -8.97 -20.43
C4 PEG E . 3.94 -9.97 -20.90
O4 PEG E . 3.41 -10.23 -21.90
C1 PEG F . -4.82 0.49 2.05
O1 PEG F . -4.76 0.96 0.75
C2 PEG F . -4.49 -0.79 2.66
O2 PEG F . -3.06 -1.23 2.60
C3 PEG F . -2.46 -0.44 3.64
C4 PEG F . -2.51 1.12 3.53
O4 PEG F . -3.45 2.14 4.42
C1 EDO G . 12.72 -1.06 -10.31
O1 EDO G . 12.61 -0.01 -11.27
C2 EDO G . 13.76 -0.67 -9.30
O2 EDO G . 14.15 -1.79 -8.55
C1 EDO H . 10.57 17.05 13.48
O1 EDO H . 9.75 17.02 14.68
C2 EDO H . 10.71 18.41 12.83
O2 EDO H . 12.09 18.81 12.66
#